data_1W2G
#
_entry.id   1W2G
#
_cell.length_a   63.865
_cell.length_b   63.865
_cell.length_c   195.336
_cell.angle_alpha   90.00
_cell.angle_beta   90.00
_cell.angle_gamma   120.00
#
_symmetry.space_group_name_H-M   'P 31 2 1'
#
loop_
_entity.id
_entity.type
_entity.pdbx_description
1 polymer 'THYMIDYLATE KINASE TMK'
2 non-polymer 'ACETATE ION'
3 non-polymer THYMIDINE
4 water water
#
_entity_poly.entity_id   1
_entity_poly.type   'polypeptide(L)'
_entity_poly.pdbx_seq_one_letter_code
;MLIAIEGVDGAGKRTLVEKLSGAFRAAGRSVATLAFPRYGQSVAADIAAEALHGEHGDLASSVYAMATLFALDRAGAVHT
IQGLCRGYDVVILDRYVASNAAYSAARLHENAAGKAAAWVQRIEFARLGLPKPDWQVLLAVSAELAGERSRGRAQRDPGR
ARDNYERDAELQQRTGAVYAELAAQGWGGRWLVVGADVDPGRLAATLAPPDVPS
;
_entity_poly.pdbx_strand_id   A,B
#
# COMPACT_ATOMS: atom_id res chain seq x y z
N MET A 1 -16.74 -9.21 -22.10
CA MET A 1 -15.63 -10.17 -21.91
C MET A 1 -14.38 -9.44 -21.44
N LEU A 2 -13.72 -9.99 -20.42
CA LEU A 2 -12.51 -9.38 -19.89
C LEU A 2 -11.33 -10.27 -20.27
N ILE A 3 -10.37 -9.69 -20.98
CA ILE A 3 -9.22 -10.44 -21.42
C ILE A 3 -7.92 -9.81 -20.92
N ALA A 4 -7.04 -10.62 -20.37
CA ALA A 4 -5.76 -10.14 -19.87
C ALA A 4 -4.61 -10.65 -20.72
N ILE A 5 -3.75 -9.74 -21.17
CA ILE A 5 -2.58 -10.13 -21.95
C ILE A 5 -1.40 -10.15 -20.97
N GLU A 6 -0.76 -11.31 -20.84
CA GLU A 6 0.35 -11.47 -19.90
C GLU A 6 1.65 -11.89 -20.60
N GLY A 7 2.76 -11.65 -19.94
CA GLY A 7 4.05 -12.01 -20.51
C GLY A 7 5.17 -11.25 -19.83
N VAL A 8 6.41 -11.69 -20.05
CA VAL A 8 7.56 -11.04 -19.44
C VAL A 8 7.94 -9.78 -20.22
N ASP A 9 8.88 -9.02 -19.66
CA ASP A 9 9.33 -7.79 -20.30
C ASP A 9 9.91 -8.12 -21.68
N GLY A 10 9.36 -7.50 -22.71
CA GLY A 10 9.83 -7.76 -24.06
C GLY A 10 9.02 -8.82 -24.80
N ALA A 11 7.87 -9.20 -24.26
CA ALA A 11 7.03 -10.20 -24.90
C ALA A 11 6.35 -9.62 -26.14
N GLY A 12 6.06 -8.31 -26.10
CA GLY A 12 5.40 -7.67 -27.22
C GLY A 12 3.89 -7.60 -26.99
N LYS A 13 3.51 -7.37 -25.74
CA LYS A 13 2.12 -7.30 -25.35
C LYS A 13 1.35 -6.17 -26.03
N ARG A 14 1.95 -4.99 -26.12
CA ARG A 14 1.29 -3.86 -26.75
C ARG A 14 0.88 -4.19 -28.19
N THR A 15 1.79 -4.83 -28.92
CA THR A 15 1.54 -5.23 -30.30
C THR A 15 0.36 -6.20 -30.38
N LEU A 16 0.37 -7.20 -29.51
CA LEU A 16 -0.71 -8.17 -29.50
C LEU A 16 -2.04 -7.49 -29.13
N VAL A 17 -1.99 -6.55 -28.19
CA VAL A 17 -3.20 -5.84 -27.78
C VAL A 17 -3.83 -5.15 -28.99
N GLU A 18 -3.02 -4.45 -29.77
CA GLU A 18 -3.51 -3.76 -30.96
C GLU A 18 -4.09 -4.71 -32.01
N LYS A 19 -3.36 -5.81 -32.28
CA LYS A 19 -3.83 -6.78 -33.27
C LYS A 19 -5.13 -7.41 -32.85
N LEU A 20 -5.18 -7.92 -31.62
CA LEU A 20 -6.38 -8.58 -31.12
C LEU A 20 -7.54 -7.59 -31.11
N SER A 21 -7.26 -6.35 -30.72
CA SER A 21 -8.29 -5.31 -30.70
C SER A 21 -8.80 -5.10 -32.12
N GLY A 22 -7.88 -4.98 -33.07
CA GLY A 22 -8.25 -4.79 -34.46
C GLY A 22 -9.12 -5.94 -34.96
N ALA A 23 -8.78 -7.16 -34.56
CA ALA A 23 -9.54 -8.32 -34.99
C ALA A 23 -10.94 -8.34 -34.39
N PHE A 24 -11.08 -7.97 -33.12
CA PHE A 24 -12.40 -7.95 -32.49
C PHE A 24 -13.29 -6.87 -33.15
N ARG A 25 -12.70 -5.71 -33.41
CA ARG A 25 -13.44 -4.61 -34.03
C ARG A 25 -13.96 -5.05 -35.40
N ALA A 26 -13.08 -5.66 -36.19
CA ALA A 26 -13.46 -6.16 -37.51
C ALA A 26 -14.60 -7.15 -37.37
N ALA A 27 -14.61 -7.86 -36.24
CA ALA A 27 -15.64 -8.85 -35.96
C ALA A 27 -16.94 -8.21 -35.47
N GLY A 28 -16.97 -6.87 -35.43
CA GLY A 28 -18.18 -6.18 -34.99
C GLY A 28 -18.36 -6.07 -33.49
N ARG A 29 -17.24 -5.94 -32.77
CA ARG A 29 -17.30 -5.80 -31.31
C ARG A 29 -16.52 -4.57 -30.88
N SER A 30 -17.05 -3.88 -29.87
CA SER A 30 -16.37 -2.70 -29.33
C SER A 30 -15.30 -3.19 -28.38
N VAL A 31 -14.14 -2.55 -28.41
CA VAL A 31 -13.04 -2.93 -27.56
C VAL A 31 -12.44 -1.74 -26.85
N ALA A 32 -12.14 -1.93 -25.56
CA ALA A 32 -11.52 -0.91 -24.74
C ALA A 32 -10.28 -1.60 -24.16
N THR A 33 -9.21 -0.85 -23.93
CA THR A 33 -8.01 -1.44 -23.37
C THR A 33 -7.50 -0.61 -22.21
N LEU A 34 -6.76 -1.25 -21.32
CA LEU A 34 -6.21 -0.59 -20.15
C LEU A 34 -4.89 -1.30 -19.85
N ALA A 35 -3.90 -0.56 -19.35
CA ALA A 35 -2.60 -1.16 -19.05
C ALA A 35 -2.16 -0.96 -17.60
N PHE A 36 -1.52 -1.98 -17.04
CA PHE A 36 -1.02 -1.93 -15.67
C PHE A 36 0.49 -2.19 -15.66
N PRO A 37 1.23 -1.53 -14.75
CA PRO A 37 0.79 -0.55 -13.75
C PRO A 37 0.33 0.75 -14.39
N ARG A 38 -0.59 1.45 -13.73
CA ARG A 38 -1.09 2.71 -14.26
C ARG A 38 -0.12 3.83 -13.90
N TYR A 39 1.08 3.76 -14.46
CA TYR A 39 2.11 4.77 -14.21
C TYR A 39 1.60 6.18 -14.45
N GLY A 40 1.91 7.07 -13.52
CA GLY A 40 1.47 8.45 -13.64
C GLY A 40 0.01 8.64 -13.28
N GLN A 41 -0.69 7.54 -13.03
CA GLN A 41 -2.12 7.61 -12.69
C GLN A 41 -2.42 7.33 -11.23
N SER A 42 -1.54 6.61 -10.54
CA SER A 42 -1.77 6.32 -9.13
C SER A 42 -0.49 6.32 -8.33
N VAL A 43 -0.58 6.74 -7.08
CA VAL A 43 0.58 6.79 -6.20
C VAL A 43 1.21 5.42 -5.99
N ALA A 44 0.38 4.40 -5.76
CA ALA A 44 0.89 3.05 -5.55
C ALA A 44 1.75 2.60 -6.70
N ALA A 45 1.31 2.87 -7.93
CA ALA A 45 2.05 2.49 -9.12
C ALA A 45 3.38 3.22 -9.22
N ASP A 46 3.35 4.54 -9.06
CA ASP A 46 4.56 5.35 -9.15
C ASP A 46 5.59 4.99 -8.07
N ILE A 47 5.13 4.81 -6.85
CA ILE A 47 6.03 4.44 -5.76
C ILE A 47 6.68 3.10 -6.10
N ALA A 48 5.88 2.18 -6.62
CA ALA A 48 6.38 0.87 -7.01
C ALA A 48 7.46 0.99 -8.08
N ALA A 49 7.19 1.80 -9.11
CA ALA A 49 8.15 1.99 -10.19
C ALA A 49 9.43 2.61 -9.64
N GLU A 50 9.27 3.62 -8.78
CA GLU A 50 10.40 4.29 -8.16
C GLU A 50 11.22 3.30 -7.32
N ALA A 51 10.53 2.50 -6.52
CA ALA A 51 11.19 1.50 -5.68
C ALA A 51 12.00 0.54 -6.54
N LEU A 52 11.51 0.26 -7.75
CA LEU A 52 12.21 -0.63 -8.65
C LEU A 52 13.45 0.06 -9.22
N HIS A 53 13.54 1.37 -9.03
CA HIS A 53 14.69 2.12 -9.51
C HIS A 53 15.60 2.51 -8.35
N GLY A 54 15.45 1.83 -7.22
CA GLY A 54 16.29 2.10 -6.07
C GLY A 54 15.83 3.18 -5.11
N GLU A 55 14.62 3.70 -5.29
CA GLU A 55 14.13 4.71 -4.38
C GLU A 55 13.37 4.03 -3.25
N HIS A 56 13.03 4.80 -2.23
CA HIS A 56 12.25 4.34 -1.08
C HIS A 56 12.88 3.23 -0.25
N GLY A 57 14.12 3.47 0.16
CA GLY A 57 14.84 2.53 1.01
C GLY A 57 14.77 1.04 0.70
N ASP A 58 14.28 0.28 1.67
CA ASP A 58 14.19 -1.18 1.55
C ASP A 58 12.86 -1.70 1.02
N LEU A 59 12.05 -0.80 0.46
CA LEU A 59 10.74 -1.20 -0.04
C LEU A 59 10.78 -2.36 -1.03
N ALA A 60 11.60 -2.23 -2.07
CA ALA A 60 11.70 -3.26 -3.11
C ALA A 60 12.28 -4.60 -2.64
N SER A 61 12.99 -4.60 -1.53
CA SER A 61 13.56 -5.85 -1.03
C SER A 61 12.48 -6.81 -0.55
N SER A 62 11.27 -6.28 -0.35
CA SER A 62 10.14 -7.10 0.08
C SER A 62 9.26 -7.50 -1.11
N VAL A 63 9.20 -8.80 -1.39
CA VAL A 63 8.39 -9.32 -2.49
C VAL A 63 6.90 -9.02 -2.29
N TYR A 64 6.38 -9.29 -1.09
CA TYR A 64 4.97 -9.05 -0.79
C TYR A 64 4.60 -7.57 -0.74
N ALA A 65 5.58 -6.72 -0.46
CA ALA A 65 5.37 -5.27 -0.41
C ALA A 65 5.15 -4.76 -1.83
N MET A 66 6.02 -5.18 -2.74
CA MET A 66 5.91 -4.79 -4.14
C MET A 66 4.58 -5.31 -4.70
N ALA A 67 4.26 -6.56 -4.38
CA ALA A 67 3.03 -7.17 -4.84
C ALA A 67 1.82 -6.38 -4.32
N THR A 68 1.88 -5.99 -3.05
CA THR A 68 0.78 -5.24 -2.46
C THR A 68 0.60 -3.89 -3.18
N LEU A 69 1.69 -3.25 -3.55
CA LEU A 69 1.60 -1.98 -4.25
C LEU A 69 0.92 -2.10 -5.62
N PHE A 70 1.31 -3.12 -6.39
CA PHE A 70 0.71 -3.33 -7.69
C PHE A 70 -0.77 -3.73 -7.54
N ALA A 71 -1.07 -4.44 -6.47
CA ALA A 71 -2.44 -4.85 -6.22
C ALA A 71 -3.27 -3.61 -5.86
N LEU A 72 -2.70 -2.73 -5.03
CA LEU A 72 -3.42 -1.53 -4.62
C LEU A 72 -3.62 -0.59 -5.81
N ASP A 73 -2.73 -0.65 -6.78
CA ASP A 73 -2.87 0.17 -7.98
C ASP A 73 -4.09 -0.34 -8.75
N ARG A 74 -4.19 -1.65 -8.90
CA ARG A 74 -5.33 -2.23 -9.60
C ARG A 74 -6.61 -1.98 -8.80
N ALA A 75 -6.51 -2.01 -7.48
CA ALA A 75 -7.67 -1.76 -6.64
C ALA A 75 -8.28 -0.40 -6.96
N GLY A 76 -7.42 0.56 -7.27
CA GLY A 76 -7.89 1.90 -7.58
C GLY A 76 -8.51 1.97 -8.97
N ALA A 77 -8.26 0.94 -9.78
CA ALA A 77 -8.80 0.91 -11.14
C ALA A 77 -10.09 0.09 -11.26
N VAL A 78 -10.55 -0.50 -10.16
CA VAL A 78 -11.76 -1.32 -10.20
C VAL A 78 -12.95 -0.60 -10.81
N HIS A 79 -13.19 0.63 -10.38
CA HIS A 79 -14.32 1.38 -10.91
C HIS A 79 -14.17 1.60 -12.41
N THR A 80 -12.95 1.82 -12.85
CA THR A 80 -12.67 2.03 -14.26
C THR A 80 -12.92 0.74 -15.04
N ILE A 81 -12.43 -0.38 -14.51
CA ILE A 81 -12.62 -1.67 -15.18
C ILE A 81 -14.10 -2.03 -15.28
N GLN A 82 -14.85 -1.78 -14.20
CA GLN A 82 -16.27 -2.09 -14.20
C GLN A 82 -17.00 -1.23 -15.23
N GLY A 83 -16.60 0.03 -15.32
CA GLY A 83 -17.21 0.92 -16.31
C GLY A 83 -16.97 0.41 -17.72
N LEU A 84 -15.72 0.06 -18.02
CA LEU A 84 -15.36 -0.47 -19.33
C LEU A 84 -16.14 -1.75 -19.66
N CYS A 85 -16.28 -2.63 -18.68
CA CYS A 85 -17.02 -3.89 -18.88
C CYS A 85 -18.51 -3.66 -19.13
N ARG A 86 -19.04 -2.55 -18.64
CA ARG A 86 -20.45 -2.22 -18.86
C ARG A 86 -20.66 -1.54 -20.21
N GLY A 87 -19.64 -0.85 -20.71
CA GLY A 87 -19.77 -0.15 -21.98
C GLY A 87 -19.19 -0.80 -23.23
N TYR A 88 -18.28 -1.75 -23.06
CA TYR A 88 -17.65 -2.41 -24.20
C TYR A 88 -17.84 -3.91 -24.21
N ASP A 89 -17.86 -4.49 -25.40
CA ASP A 89 -18.03 -5.92 -25.55
C ASP A 89 -16.79 -6.67 -25.05
N VAL A 90 -15.63 -6.10 -25.34
CA VAL A 90 -14.37 -6.71 -24.94
C VAL A 90 -13.46 -5.67 -24.29
N VAL A 91 -12.89 -6.04 -23.15
CA VAL A 91 -11.97 -5.19 -22.44
C VAL A 91 -10.66 -5.97 -22.35
N ILE A 92 -9.61 -5.43 -22.97
CA ILE A 92 -8.31 -6.09 -22.98
C ILE A 92 -7.33 -5.37 -22.06
N LEU A 93 -6.77 -6.11 -21.11
CA LEU A 93 -5.81 -5.54 -20.16
C LEU A 93 -4.38 -5.96 -20.45
N ASP A 94 -3.49 -4.98 -20.61
CA ASP A 94 -2.07 -5.25 -20.83
C ASP A 94 -1.49 -5.39 -19.43
N ARG A 95 -1.32 -6.64 -19.00
CA ARG A 95 -0.84 -6.99 -17.66
C ARG A 95 -2.01 -6.89 -16.68
N TYR A 96 -2.16 -7.90 -15.84
CA TYR A 96 -3.23 -7.91 -14.86
C TYR A 96 -2.75 -8.66 -13.62
N VAL A 97 -3.68 -9.23 -12.87
CA VAL A 97 -3.36 -9.94 -11.64
C VAL A 97 -2.33 -11.07 -11.76
N ALA A 98 -2.35 -11.80 -12.86
CA ALA A 98 -1.39 -12.90 -13.04
C ALA A 98 0.06 -12.41 -13.04
N SER A 99 0.27 -11.15 -13.45
CA SER A 99 1.63 -10.59 -13.46
C SER A 99 2.20 -10.61 -12.05
N ASN A 100 1.35 -10.29 -11.09
CA ASN A 100 1.76 -10.25 -9.68
C ASN A 100 2.09 -11.64 -9.18
N ALA A 101 1.30 -12.62 -9.58
CA ALA A 101 1.52 -14.00 -9.15
C ALA A 101 2.81 -14.52 -9.75
N ALA A 102 3.03 -14.20 -11.02
CA ALA A 102 4.22 -14.67 -11.72
C ALA A 102 5.53 -14.06 -11.21
N TYR A 103 5.58 -12.74 -11.08
CA TYR A 103 6.78 -12.08 -10.60
C TYR A 103 7.08 -12.37 -9.13
N SER A 104 6.05 -12.39 -8.30
CA SER A 104 6.23 -12.66 -6.87
C SER A 104 6.74 -14.09 -6.63
N ALA A 105 6.15 -15.06 -7.30
CA ALA A 105 6.57 -16.44 -7.15
C ALA A 105 8.01 -16.60 -7.65
N ALA A 106 8.31 -15.96 -8.78
CA ALA A 106 9.65 -16.01 -9.36
C ALA A 106 10.70 -15.44 -8.41
N ARG A 107 10.42 -14.28 -7.80
CA ARG A 107 11.36 -13.67 -6.86
C ARG A 107 11.61 -14.56 -5.65
N LEU A 108 10.60 -15.35 -5.27
CA LEU A 108 10.71 -16.24 -4.12
C LEU A 108 11.14 -17.65 -4.51
N HIS A 109 11.38 -17.87 -5.80
CA HIS A 109 11.77 -19.18 -6.29
C HIS A 109 10.69 -20.20 -6.01
N GLU A 110 9.44 -19.76 -6.05
CA GLU A 110 8.30 -20.65 -5.82
C GLU A 110 7.75 -20.96 -7.20
N ASN A 111 6.77 -21.86 -7.26
CA ASN A 111 6.16 -22.21 -8.53
C ASN A 111 4.69 -21.78 -8.53
N ALA A 112 4.02 -21.96 -9.66
CA ALA A 112 2.62 -21.59 -9.83
C ALA A 112 1.68 -22.15 -8.76
N ALA A 113 2.05 -23.29 -8.18
CA ALA A 113 1.25 -23.91 -7.14
C ALA A 113 1.71 -23.47 -5.75
N GLY A 114 2.56 -22.44 -5.71
CA GLY A 114 3.09 -21.96 -4.45
C GLY A 114 2.22 -21.04 -3.61
N LYS A 115 2.80 -20.57 -2.50
CA LYS A 115 2.10 -19.69 -1.57
C LYS A 115 1.80 -18.29 -2.08
N ALA A 116 2.79 -17.63 -2.69
CA ALA A 116 2.59 -16.29 -3.21
C ALA A 116 1.52 -16.21 -4.30
N ALA A 117 1.52 -17.17 -5.21
CA ALA A 117 0.53 -17.19 -6.28
C ALA A 117 -0.87 -17.38 -5.69
N ALA A 118 -0.96 -18.14 -4.60
CA ALA A 118 -2.23 -18.41 -3.93
C ALA A 118 -2.66 -17.16 -3.16
N TRP A 119 -1.69 -16.47 -2.58
CA TRP A 119 -1.93 -15.25 -1.81
C TRP A 119 -2.49 -14.18 -2.75
N VAL A 120 -1.87 -14.03 -3.92
CA VAL A 120 -2.30 -13.05 -4.90
C VAL A 120 -3.77 -13.25 -5.28
N GLN A 121 -4.18 -14.50 -5.41
CA GLN A 121 -5.56 -14.81 -5.76
C GLN A 121 -6.52 -14.45 -4.61
N ARG A 122 -6.10 -14.73 -3.38
CA ARG A 122 -6.88 -14.43 -2.17
C ARG A 122 -7.07 -12.94 -1.94
N ILE A 123 -6.02 -12.18 -2.21
CA ILE A 123 -6.00 -10.74 -2.00
C ILE A 123 -6.68 -9.94 -3.12
N GLU A 124 -6.18 -10.09 -4.34
CA GLU A 124 -6.70 -9.32 -5.46
C GLU A 124 -8.13 -9.59 -5.91
N PHE A 125 -8.51 -10.84 -6.08
CA PHE A 125 -9.85 -11.16 -6.54
C PHE A 125 -10.93 -11.02 -5.48
N ALA A 126 -10.68 -11.52 -4.27
CA ALA A 126 -11.67 -11.47 -3.21
C ALA A 126 -11.66 -10.19 -2.39
N ARG A 127 -10.52 -9.90 -1.75
CA ARG A 127 -10.41 -8.71 -0.91
C ARG A 127 -10.44 -7.38 -1.63
N LEU A 128 -9.74 -7.28 -2.77
CA LEU A 128 -9.71 -6.03 -3.53
C LEU A 128 -10.85 -5.95 -4.54
N GLY A 129 -11.43 -7.11 -4.85
CA GLY A 129 -12.55 -7.16 -5.78
C GLY A 129 -12.25 -6.95 -7.25
N LEU A 130 -11.06 -7.35 -7.69
CA LEU A 130 -10.70 -7.21 -9.10
C LEU A 130 -11.42 -8.31 -9.88
N PRO A 131 -12.18 -7.94 -10.92
CA PRO A 131 -12.90 -8.94 -11.71
C PRO A 131 -11.95 -9.99 -12.28
N LYS A 132 -12.33 -11.25 -12.18
CA LYS A 132 -11.50 -12.31 -12.73
C LYS A 132 -11.65 -12.28 -14.25
N PRO A 133 -10.53 -12.41 -14.97
CA PRO A 133 -10.59 -12.39 -16.43
C PRO A 133 -11.21 -13.67 -17.02
N ASP A 134 -11.94 -13.50 -18.12
CA ASP A 134 -12.56 -14.64 -18.80
C ASP A 134 -11.45 -15.44 -19.45
N TRP A 135 -10.46 -14.73 -19.98
CA TRP A 135 -9.32 -15.36 -20.62
C TRP A 135 -8.04 -14.62 -20.26
N GLN A 136 -6.98 -15.39 -20.04
CA GLN A 136 -5.68 -14.81 -19.77
C GLN A 136 -4.84 -15.37 -20.91
N VAL A 137 -4.37 -14.48 -21.77
CA VAL A 137 -3.57 -14.88 -22.91
C VAL A 137 -2.10 -14.63 -22.65
N LEU A 138 -1.34 -15.71 -22.58
CA LEU A 138 0.08 -15.63 -22.34
C LEU A 138 0.87 -15.52 -23.65
N LEU A 139 1.57 -14.41 -23.81
CA LEU A 139 2.39 -14.19 -24.99
C LEU A 139 3.75 -14.72 -24.56
N ALA A 140 3.88 -16.05 -24.62
CA ALA A 140 5.09 -16.74 -24.19
C ALA A 140 6.32 -16.48 -25.05
N VAL A 141 7.44 -16.30 -24.37
CA VAL A 141 8.71 -16.07 -25.04
C VAL A 141 9.81 -16.73 -24.19
N SER A 142 10.72 -17.43 -24.86
CA SER A 142 11.81 -18.10 -24.17
C SER A 142 12.75 -17.03 -23.61
N ALA A 143 13.54 -17.41 -22.62
CA ALA A 143 14.49 -16.48 -22.03
C ALA A 143 15.49 -16.05 -23.11
N GLU A 144 15.88 -17.00 -23.95
CA GLU A 144 16.81 -16.73 -25.04
C GLU A 144 16.29 -15.59 -25.91
N LEU A 145 15.05 -15.73 -26.37
CA LEU A 145 14.43 -14.73 -27.23
C LEU A 145 14.22 -13.41 -26.48
N ALA A 146 13.70 -13.51 -25.26
CA ALA A 146 13.46 -12.33 -24.44
C ALA A 146 14.79 -11.64 -24.22
N GLY A 147 15.82 -12.44 -23.97
CA GLY A 147 17.15 -11.89 -23.74
C GLY A 147 17.63 -11.12 -24.96
N GLU A 148 17.26 -11.58 -26.15
CA GLU A 148 17.67 -10.93 -27.38
C GLU A 148 17.02 -9.55 -27.50
N ARG A 149 15.70 -9.50 -27.35
CA ARG A 149 14.98 -8.24 -27.45
C ARG A 149 14.64 -7.69 -26.07
N ARG A 162 14.77 0.59 -17.39
CA ARG A 162 15.71 -0.43 -16.91
C ARG A 162 15.76 -0.48 -15.38
N ASP A 163 14.70 -1.01 -14.77
CA ASP A 163 14.62 -1.12 -13.32
C ASP A 163 15.26 -2.41 -12.78
N ASN A 164 15.07 -2.65 -11.49
CA ASN A 164 15.63 -3.82 -10.83
C ASN A 164 15.15 -5.14 -11.40
N TYR A 165 13.90 -5.19 -11.85
CA TYR A 165 13.35 -6.41 -12.43
C TYR A 165 13.88 -6.62 -13.85
N GLU A 166 13.81 -5.55 -14.66
CA GLU A 166 14.28 -5.59 -16.04
C GLU A 166 15.72 -6.08 -16.13
N ARG A 167 16.57 -5.56 -15.25
CA ARG A 167 17.98 -5.93 -15.24
C ARG A 167 18.30 -7.34 -14.73
N ASP A 168 17.34 -7.96 -14.02
CA ASP A 168 17.56 -9.32 -13.49
C ASP A 168 17.14 -10.39 -14.49
N ALA A 169 18.12 -10.93 -15.22
CA ALA A 169 17.86 -11.95 -16.23
C ALA A 169 17.31 -13.25 -15.67
N GLU A 170 17.88 -13.73 -14.56
CA GLU A 170 17.42 -14.96 -13.95
C GLU A 170 15.97 -14.82 -13.49
N LEU A 171 15.62 -13.64 -12.99
CA LEU A 171 14.26 -13.37 -12.54
C LEU A 171 13.31 -13.45 -13.73
N GLN A 172 13.66 -12.75 -14.82
CA GLN A 172 12.82 -12.77 -16.01
C GLN A 172 12.60 -14.21 -16.49
N GLN A 173 13.66 -15.02 -16.48
CA GLN A 173 13.52 -16.42 -16.89
C GLN A 173 12.55 -17.15 -15.97
N ARG A 174 12.77 -17.07 -14.66
CA ARG A 174 11.89 -17.75 -13.72
C ARG A 174 10.45 -17.26 -13.82
N THR A 175 10.26 -15.99 -14.14
CA THR A 175 8.92 -15.43 -14.27
C THR A 175 8.23 -16.07 -15.49
N GLY A 176 9.00 -16.26 -16.56
CA GLY A 176 8.44 -16.89 -17.74
C GLY A 176 8.02 -18.31 -17.41
N ALA A 177 8.84 -19.00 -16.61
CA ALA A 177 8.55 -20.36 -16.23
C ALA A 177 7.29 -20.46 -15.38
N VAL A 178 7.09 -19.51 -14.47
CA VAL A 178 5.90 -19.51 -13.64
C VAL A 178 4.66 -19.21 -14.48
N TYR A 179 4.79 -18.27 -15.41
CA TYR A 179 3.68 -17.92 -16.31
C TYR A 179 3.23 -19.16 -17.07
N ALA A 180 4.19 -19.91 -17.61
CA ALA A 180 3.85 -21.12 -18.35
C ALA A 180 3.08 -22.10 -17.46
N GLU A 181 3.44 -22.19 -16.18
CA GLU A 181 2.73 -23.10 -15.28
C GLU A 181 1.37 -22.56 -14.85
N LEU A 182 1.29 -21.23 -14.68
CA LEU A 182 0.02 -20.62 -14.30
C LEU A 182 -0.99 -20.94 -15.40
N ALA A 183 -0.55 -20.83 -16.65
CA ALA A 183 -1.42 -21.09 -17.79
C ALA A 183 -1.85 -22.57 -17.84
N ALA A 184 -0.89 -23.46 -17.70
CA ALA A 184 -1.17 -24.90 -17.72
C ALA A 184 -2.08 -25.33 -16.58
N GLN A 185 -1.98 -24.66 -15.44
CA GLN A 185 -2.79 -25.01 -14.29
C GLN A 185 -4.11 -24.25 -14.22
N GLY A 186 -4.37 -23.41 -15.22
CA GLY A 186 -5.61 -22.65 -15.23
C GLY A 186 -5.76 -21.73 -14.04
N TRP A 187 -4.67 -21.08 -13.63
CA TRP A 187 -4.70 -20.17 -12.48
C TRP A 187 -5.66 -19.01 -12.73
N GLY A 188 -6.67 -18.89 -11.86
CA GLY A 188 -7.63 -17.81 -11.96
C GLY A 188 -8.56 -17.86 -13.17
N GLY A 189 -8.53 -18.96 -13.92
CA GLY A 189 -9.38 -19.07 -15.08
C GLY A 189 -8.71 -19.69 -16.29
N ARG A 190 -9.37 -19.61 -17.44
CA ARG A 190 -8.86 -20.16 -18.70
C ARG A 190 -7.72 -19.35 -19.31
N TRP A 191 -6.73 -20.06 -19.84
CA TRP A 191 -5.60 -19.42 -20.49
C TRP A 191 -5.41 -19.92 -21.92
N LEU A 192 -4.72 -19.13 -22.71
CA LEU A 192 -4.37 -19.46 -24.08
C LEU A 192 -2.92 -19.00 -24.19
N VAL A 193 -2.09 -19.82 -24.81
CA VAL A 193 -0.70 -19.45 -25.00
C VAL A 193 -0.56 -19.16 -26.48
N VAL A 194 0.05 -18.03 -26.80
CA VAL A 194 0.21 -17.64 -28.20
C VAL A 194 1.58 -17.02 -28.47
N GLY A 195 1.94 -16.97 -29.75
CA GLY A 195 3.20 -16.38 -30.14
C GLY A 195 2.95 -15.04 -30.80
N ALA A 196 4.02 -14.29 -31.06
CA ALA A 196 3.89 -12.97 -31.68
C ALA A 196 3.34 -13.05 -33.10
N ASP A 197 3.35 -14.25 -33.68
CA ASP A 197 2.86 -14.43 -35.04
C ASP A 197 1.41 -14.93 -35.11
N VAL A 198 0.80 -15.14 -33.95
CA VAL A 198 -0.57 -15.62 -33.89
C VAL A 198 -1.48 -14.82 -34.82
N ASP A 199 -2.43 -15.50 -35.46
CA ASP A 199 -3.36 -14.82 -36.35
C ASP A 199 -4.47 -14.18 -35.53
N PRO A 200 -4.56 -12.84 -35.58
CA PRO A 200 -5.56 -12.06 -34.84
C PRO A 200 -6.98 -12.59 -35.06
N GLY A 201 -7.33 -12.83 -36.32
CA GLY A 201 -8.65 -13.31 -36.66
C GLY A 201 -9.00 -14.62 -35.98
N ARG A 202 -8.09 -15.59 -36.04
CA ARG A 202 -8.33 -16.88 -35.41
C ARG A 202 -8.36 -16.74 -33.89
N LEU A 203 -7.43 -15.95 -33.36
CA LEU A 203 -7.38 -15.73 -31.91
C LEU A 203 -8.70 -15.14 -31.43
N ALA A 204 -9.12 -14.06 -32.10
CA ALA A 204 -10.38 -13.39 -31.75
C ALA A 204 -11.54 -14.38 -31.78
N ALA A 205 -11.56 -15.24 -32.79
CA ALA A 205 -12.61 -16.23 -32.94
C ALA A 205 -12.56 -17.22 -31.78
N THR A 206 -11.36 -17.61 -31.39
CA THR A 206 -11.19 -18.55 -30.30
C THR A 206 -11.70 -17.97 -28.98
N LEU A 207 -11.41 -16.69 -28.77
CA LEU A 207 -11.82 -16.01 -27.54
C LEU A 207 -13.28 -15.60 -27.51
N ALA A 208 -13.83 -15.21 -28.65
CA ALA A 208 -15.22 -14.77 -28.75
C ALA A 208 -16.15 -15.49 -27.76
N PRO A 209 -16.10 -16.74 -27.72
N MET B 1 -8.87 23.78 13.05
CA MET B 1 -7.94 23.30 14.12
C MET B 1 -7.71 21.80 14.02
N LEU B 2 -6.55 21.42 13.50
CA LEU B 2 -6.19 20.01 13.37
C LEU B 2 -5.16 19.68 14.45
N ILE B 3 -5.49 18.71 15.30
CA ILE B 3 -4.60 18.30 16.38
C ILE B 3 -4.28 16.81 16.33
N ALA B 4 -3.00 16.49 16.27
CA ALA B 4 -2.54 15.11 16.21
C ALA B 4 -1.93 14.68 17.54
N ILE B 5 -2.45 13.59 18.11
CA ILE B 5 -1.94 13.05 19.35
C ILE B 5 -0.94 11.94 18.99
N GLU B 6 0.28 12.05 19.50
CA GLU B 6 1.33 11.07 19.21
C GLU B 6 1.86 10.41 20.49
N GLY B 7 2.54 9.27 20.34
CA GLY B 7 3.08 8.55 21.49
C GLY B 7 3.32 7.09 21.18
N VAL B 8 4.09 6.42 22.04
CA VAL B 8 4.38 5.01 21.81
C VAL B 8 3.17 4.16 22.17
N ASP B 9 3.22 2.88 21.82
CA ASP B 9 2.13 1.97 22.10
C ASP B 9 1.95 1.85 23.61
N GLY B 10 0.70 1.96 24.07
CA GLY B 10 0.41 1.86 25.48
C GLY B 10 0.56 3.18 26.23
N ALA B 11 0.74 4.26 25.48
CA ALA B 11 0.89 5.58 26.09
C ALA B 11 -0.44 6.13 26.62
N GLY B 12 -1.55 5.51 26.22
CA GLY B 12 -2.86 5.95 26.66
C GLY B 12 -3.36 7.15 25.87
N LYS B 13 -3.16 7.10 24.55
CA LYS B 13 -3.58 8.19 23.68
C LYS B 13 -5.09 8.35 23.58
N ARG B 14 -5.82 7.23 23.55
CA ARG B 14 -7.28 7.31 23.46
C ARG B 14 -7.83 8.16 24.58
N THR B 15 -7.40 7.86 25.81
CA THR B 15 -7.84 8.59 26.99
C THR B 15 -7.65 10.09 26.77
N LEU B 16 -6.42 10.47 26.44
CA LEU B 16 -6.12 11.88 26.22
C LEU B 16 -7.05 12.46 25.15
N VAL B 17 -7.31 11.70 24.10
CA VAL B 17 -8.20 12.18 23.05
C VAL B 17 -9.58 12.44 23.63
N GLU B 18 -10.10 11.49 24.39
CA GLU B 18 -11.42 11.64 25.01
C GLU B 18 -11.48 12.86 25.93
N LYS B 19 -10.57 12.91 26.91
CA LYS B 19 -10.53 14.02 27.85
C LYS B 19 -10.33 15.36 27.16
N LEU B 20 -9.57 15.36 26.08
CA LEU B 20 -9.32 16.60 25.34
C LEU B 20 -10.59 17.02 24.58
N SER B 21 -11.29 16.04 24.03
CA SER B 21 -12.52 16.30 23.30
C SER B 21 -13.50 16.99 24.24
N GLY B 22 -13.66 16.43 25.43
CA GLY B 22 -14.55 17.00 26.41
C GLY B 22 -14.21 18.45 26.73
N ALA B 23 -12.96 18.70 27.09
CA ALA B 23 -12.49 20.05 27.42
C ALA B 23 -12.74 21.06 26.31
N PHE B 24 -12.66 20.62 25.05
CA PHE B 24 -12.88 21.51 23.93
C PHE B 24 -14.36 21.81 23.78
N ARG B 25 -15.19 20.80 24.01
CA ARG B 25 -16.64 20.96 23.90
C ARG B 25 -17.15 21.87 25.01
N ALA B 26 -16.60 21.68 26.21
CA ALA B 26 -16.98 22.49 27.36
C ALA B 26 -16.65 23.95 27.08
N ALA B 27 -15.63 24.17 26.27
CA ALA B 27 -15.20 25.52 25.91
C ALA B 27 -16.02 26.04 24.73
N GLY B 28 -17.04 25.28 24.35
CA GLY B 28 -17.91 25.68 23.25
C GLY B 28 -17.45 25.33 21.84
N ARG B 29 -16.46 24.46 21.71
CA ARG B 29 -15.97 24.08 20.39
C ARG B 29 -16.41 22.69 19.98
N SER B 30 -16.84 22.55 18.73
CA SER B 30 -17.28 21.24 18.22
C SER B 30 -16.04 20.41 17.92
N VAL B 31 -16.12 19.12 18.20
CA VAL B 31 -14.98 18.24 17.99
C VAL B 31 -15.31 16.90 17.31
N ALA B 32 -14.39 16.48 16.45
CA ALA B 32 -14.49 15.21 15.73
C ALA B 32 -13.10 14.58 15.80
N THR B 33 -13.06 13.27 16.01
CA THR B 33 -11.78 12.57 16.09
C THR B 33 -11.68 11.44 15.05
N LEU B 34 -10.45 11.12 14.70
CA LEU B 34 -10.17 10.06 13.73
C LEU B 34 -8.86 9.39 14.13
N ALA B 35 -8.86 8.08 14.16
CA ALA B 35 -7.66 7.32 14.54
C ALA B 35 -7.02 6.61 13.35
N PHE B 36 -5.70 6.63 13.33
CA PHE B 36 -4.91 5.97 12.28
C PHE B 36 -4.08 4.88 12.95
N PRO B 37 -3.92 3.72 12.30
CA PRO B 37 -4.46 3.34 10.99
C PRO B 37 -5.98 3.21 11.03
N ARG B 38 -6.64 3.49 9.91
CA ARG B 38 -8.09 3.39 9.87
C ARG B 38 -8.55 1.95 9.65
N TYR B 39 -8.42 1.13 10.67
CA TYR B 39 -8.83 -0.26 10.58
C TYR B 39 -10.27 -0.35 10.12
N GLY B 40 -10.55 -1.28 9.22
CA GLY B 40 -11.90 -1.47 8.71
C GLY B 40 -12.35 -0.45 7.69
N GLN B 41 -11.56 0.61 7.50
CA GLN B 41 -11.90 1.66 6.55
C GLN B 41 -10.86 1.79 5.45
N SER B 42 -9.87 0.92 5.48
CA SER B 42 -8.79 0.96 4.50
C SER B 42 -8.16 -0.43 4.37
N VAL B 43 -8.05 -0.92 3.14
CA VAL B 43 -7.43 -2.23 2.94
C VAL B 43 -5.95 -2.10 3.27
N ALA B 44 -5.36 -0.96 2.92
CA ALA B 44 -3.95 -0.71 3.19
C ALA B 44 -3.69 -0.80 4.69
N ALA B 45 -4.61 -0.27 5.49
CA ALA B 45 -4.48 -0.31 6.94
C ALA B 45 -4.66 -1.72 7.50
N ASP B 46 -5.66 -2.44 6.96
CA ASP B 46 -5.93 -3.80 7.42
C ASP B 46 -4.78 -4.75 7.09
N ILE B 47 -4.23 -4.63 5.89
CA ILE B 47 -3.12 -5.47 5.47
C ILE B 47 -1.91 -5.15 6.37
N ALA B 48 -1.72 -3.86 6.65
CA ALA B 48 -0.62 -3.42 7.51
C ALA B 48 -0.72 -4.02 8.90
N ALA B 49 -1.93 -4.03 9.46
CA ALA B 49 -2.14 -4.56 10.80
C ALA B 49 -1.91 -6.07 10.83
N GLU B 50 -2.38 -6.77 9.81
CA GLU B 50 -2.22 -8.22 9.74
C GLU B 50 -0.75 -8.61 9.53
N ALA B 51 -0.02 -7.76 8.81
CA ALA B 51 1.39 -7.99 8.55
C ALA B 51 2.17 -7.88 9.86
N LEU B 52 1.71 -7.03 10.76
CA LEU B 52 2.37 -6.88 12.06
C LEU B 52 2.10 -8.09 12.94
N HIS B 53 1.22 -8.96 12.46
CA HIS B 53 0.91 -10.18 13.20
C HIS B 53 1.54 -11.36 12.50
N GLY B 54 2.47 -11.08 11.60
CA GLY B 54 3.16 -12.15 10.88
C GLY B 54 2.57 -12.58 9.56
N GLU B 55 1.45 -11.99 9.16
CA GLU B 55 0.85 -12.38 7.89
C GLU B 55 1.48 -11.65 6.71
N HIS B 56 1.12 -12.10 5.51
CA HIS B 56 1.60 -11.49 4.27
C HIS B 56 3.09 -11.59 4.03
N GLY B 57 3.64 -12.78 4.27
CA GLY B 57 5.04 -13.04 4.03
C GLY B 57 6.06 -12.07 4.59
N ASP B 58 6.94 -11.58 3.73
CA ASP B 58 7.99 -10.66 4.14
C ASP B 58 7.58 -9.20 4.19
N LEU B 59 6.28 -8.91 4.11
CA LEU B 59 5.82 -7.52 4.13
C LEU B 59 6.38 -6.69 5.30
N ALA B 60 6.14 -7.14 6.53
CA ALA B 60 6.60 -6.41 7.72
C ALA B 60 8.12 -6.26 7.86
N SER B 61 8.89 -7.08 7.16
CA SER B 61 10.35 -7.00 7.23
C SER B 61 10.89 -5.72 6.61
N SER B 62 10.11 -5.11 5.72
CA SER B 62 10.52 -3.88 5.09
C SER B 62 9.96 -2.65 5.83
N VAL B 63 10.86 -1.84 6.38
CA VAL B 63 10.48 -0.63 7.11
C VAL B 63 9.74 0.36 6.20
N TYR B 64 10.28 0.60 5.01
CA TYR B 64 9.64 1.53 4.07
C TYR B 64 8.32 1.02 3.48
N ALA B 65 8.16 -0.29 3.39
CA ALA B 65 6.92 -0.86 2.86
C ALA B 65 5.80 -0.58 3.88
N MET B 66 6.09 -0.83 5.16
CA MET B 66 5.11 -0.60 6.22
C MET B 66 4.77 0.90 6.29
N ALA B 67 5.78 1.75 6.20
CA ALA B 67 5.56 3.20 6.26
C ALA B 67 4.68 3.60 5.08
N THR B 68 4.93 3.00 3.92
CA THR B 68 4.16 3.30 2.72
C THR B 68 2.70 2.93 2.92
N LEU B 69 2.42 1.74 3.46
CA LEU B 69 1.04 1.33 3.70
C LEU B 69 0.32 2.33 4.59
N PHE B 70 0.96 2.74 5.68
CA PHE B 70 0.34 3.70 6.60
C PHE B 70 0.14 5.04 5.89
N ALA B 71 1.08 5.41 5.05
CA ALA B 71 0.99 6.68 4.31
C ALA B 71 -0.15 6.62 3.29
N LEU B 72 -0.35 5.46 2.67
CA LEU B 72 -1.42 5.29 1.68
C LEU B 72 -2.77 5.26 2.39
N ASP B 73 -2.78 4.79 3.63
CA ASP B 73 -4.03 4.76 4.39
C ASP B 73 -4.44 6.21 4.64
N ARG B 74 -3.48 7.04 5.03
CA ARG B 74 -3.78 8.45 5.28
C ARG B 74 -4.13 9.18 3.99
N ALA B 75 -3.51 8.78 2.88
CA ALA B 75 -3.78 9.40 1.59
C ALA B 75 -5.25 9.22 1.20
N GLY B 76 -5.79 8.04 1.47
CA GLY B 76 -7.18 7.79 1.14
C GLY B 76 -8.10 8.44 2.17
N ALA B 77 -7.51 9.16 3.11
CA ALA B 77 -8.29 9.83 4.15
C ALA B 77 -8.22 11.35 4.02
N VAL B 78 -7.49 11.82 3.02
CA VAL B 78 -7.34 13.26 2.80
C VAL B 78 -8.69 13.98 2.74
N HIS B 79 -9.64 13.42 2.01
CA HIS B 79 -10.96 14.03 1.89
C HIS B 79 -11.71 13.96 3.21
N THR B 80 -11.65 12.81 3.87
CA THR B 80 -12.33 12.62 5.15
C THR B 80 -11.87 13.64 6.19
N ILE B 81 -10.56 13.87 6.24
CA ILE B 81 -9.97 14.81 7.17
C ILE B 81 -10.42 16.23 6.87
N GLN B 82 -10.36 16.61 5.61
CA GLN B 82 -10.80 17.94 5.20
C GLN B 82 -12.27 18.11 5.55
N GLY B 83 -13.06 17.07 5.29
CA GLY B 83 -14.48 17.12 5.60
C GLY B 83 -14.73 17.38 7.07
N LEU B 84 -13.91 16.77 7.92
CA LEU B 84 -14.04 16.94 9.36
C LEU B 84 -13.62 18.34 9.78
N CYS B 85 -12.57 18.86 9.14
CA CYS B 85 -12.07 20.20 9.44
C CYS B 85 -13.13 21.27 9.15
N ARG B 86 -14.03 20.99 8.21
CA ARG B 86 -15.07 21.94 7.88
C ARG B 86 -16.28 21.76 8.79
N GLY B 87 -16.60 20.51 9.10
CA GLY B 87 -17.74 20.22 9.96
C GLY B 87 -17.55 20.47 11.45
N TYR B 88 -16.31 20.56 11.90
CA TYR B 88 -16.04 20.78 13.32
C TYR B 88 -14.96 21.81 13.56
N ASP B 89 -14.98 22.40 14.75
CA ASP B 89 -14.00 23.43 15.13
C ASP B 89 -12.63 22.81 15.37
N VAL B 90 -12.62 21.64 16.01
CA VAL B 90 -11.37 20.95 16.30
C VAL B 90 -11.42 19.51 15.80
N VAL B 91 -10.38 19.12 15.06
CA VAL B 91 -10.27 17.75 14.56
C VAL B 91 -9.09 17.13 15.31
N ILE B 92 -9.38 16.06 16.05
CA ILE B 92 -8.34 15.38 16.82
C ILE B 92 -8.02 14.02 16.22
N LEU B 93 -6.75 13.81 15.90
CA LEU B 93 -6.31 12.56 15.30
C LEU B 93 -5.48 11.72 16.27
N ASP B 94 -5.85 10.44 16.41
CA ASP B 94 -5.12 9.51 17.27
C ASP B 94 -4.07 8.92 16.34
N ARG B 95 -2.86 9.46 16.41
CA ARG B 95 -1.73 9.07 15.55
C ARG B 95 -1.89 9.73 14.18
N TYR B 96 -0.77 10.18 13.62
CA TYR B 96 -0.79 10.82 12.32
C TYR B 96 0.57 10.59 11.63
N VAL B 97 1.00 11.54 10.81
CA VAL B 97 2.26 11.39 10.07
C VAL B 97 3.50 11.17 10.93
N ALA B 98 3.61 11.88 12.07
CA ALA B 98 4.76 11.74 12.94
C ALA B 98 4.93 10.32 13.47
N SER B 99 3.84 9.55 13.55
CA SER B 99 3.94 8.17 14.01
C SER B 99 4.86 7.43 13.03
N ASN B 100 4.64 7.66 11.74
CA ASN B 100 5.43 7.05 10.69
C ASN B 100 6.90 7.44 10.77
N ALA B 101 7.17 8.70 11.07
CA ALA B 101 8.54 9.16 11.15
C ALA B 101 9.21 8.51 12.36
N ALA B 102 8.56 8.57 13.52
CA ALA B 102 9.12 8.01 14.74
C ALA B 102 9.37 6.50 14.67
N TYR B 103 8.37 5.74 14.23
CA TYR B 103 8.53 4.29 14.12
C TYR B 103 9.49 3.82 13.02
N SER B 104 9.45 4.47 11.86
CA SER B 104 10.35 4.09 10.77
C SER B 104 11.80 4.36 11.17
N ALA B 105 12.03 5.53 11.78
CA ALA B 105 13.38 5.88 12.22
C ALA B 105 13.85 4.89 13.26
N ALA B 106 13.03 4.65 14.27
CA ALA B 106 13.39 3.72 15.33
C ALA B 106 13.67 2.32 14.78
N ARG B 107 12.86 1.86 13.83
CA ARG B 107 13.09 0.54 13.25
C ARG B 107 14.45 0.46 12.57
N LEU B 108 14.93 1.58 12.04
CA LEU B 108 16.21 1.62 11.34
C LEU B 108 17.38 2.05 12.23
N HIS B 109 17.11 2.25 13.51
CA HIS B 109 18.13 2.72 14.45
C HIS B 109 18.66 4.07 13.99
N GLU B 110 17.76 4.90 13.46
CA GLU B 110 18.10 6.25 13.02
C GLU B 110 17.45 7.21 13.98
N ASN B 111 17.86 8.47 13.92
CA ASN B 111 17.25 9.49 14.76
C ASN B 111 16.51 10.46 13.83
N ALA B 112 16.13 11.62 14.35
CA ALA B 112 15.39 12.63 13.57
C ALA B 112 16.17 13.18 12.38
N ALA B 113 17.48 13.06 12.42
CA ALA B 113 18.32 13.54 11.34
C ALA B 113 18.53 12.47 10.27
N GLY B 114 17.88 11.32 10.44
CA GLY B 114 18.04 10.23 9.48
C GLY B 114 17.22 10.38 8.20
N LYS B 115 17.50 9.51 7.23
CA LYS B 115 16.82 9.54 5.93
C LYS B 115 15.33 9.21 6.01
N ALA B 116 14.98 8.25 6.88
CA ALA B 116 13.59 7.83 7.02
C ALA B 116 12.65 8.95 7.43
N ALA B 117 13.04 9.75 8.42
CA ALA B 117 12.22 10.85 8.88
C ALA B 117 12.02 11.92 7.79
N ALA B 118 13.08 12.19 7.03
CA ALA B 118 13.03 13.17 5.95
C ALA B 118 12.19 12.60 4.81
N TRP B 119 12.33 11.31 4.57
CA TRP B 119 11.57 10.63 3.51
C TRP B 119 10.09 10.72 3.86
N VAL B 120 9.75 10.42 5.09
CA VAL B 120 8.35 10.47 5.52
C VAL B 120 7.77 11.86 5.26
N GLN B 121 8.52 12.90 5.59
CA GLN B 121 8.07 14.27 5.38
C GLN B 121 7.81 14.56 3.89
N ARG B 122 8.76 14.20 3.03
CA ARG B 122 8.60 14.43 1.58
C ARG B 122 7.38 13.71 1.04
N ILE B 123 7.28 12.42 1.35
CA ILE B 123 6.19 11.60 0.87
C ILE B 123 4.79 12.02 1.32
N GLU B 124 4.58 12.13 2.63
CA GLU B 124 3.27 12.45 3.16
C GLU B 124 2.80 13.90 3.04
N PHE B 125 3.67 14.85 3.38
CA PHE B 125 3.29 16.26 3.31
C PHE B 125 3.48 16.90 1.95
N ALA B 126 4.65 16.70 1.35
CA ALA B 126 4.95 17.29 0.06
C ALA B 126 4.34 16.57 -1.13
N ARG B 127 4.40 15.24 -1.12
CA ARG B 127 3.87 14.48 -2.24
C ARG B 127 2.39 14.13 -2.13
N LEU B 128 2.01 13.46 -1.05
CA LEU B 128 0.61 13.07 -0.87
C LEU B 128 -0.20 14.26 -0.39
N GLY B 129 0.50 15.36 -0.09
CA GLY B 129 -0.16 16.58 0.37
C GLY B 129 -1.09 16.43 1.56
N LEU B 130 -0.73 15.61 2.54
CA LEU B 130 -1.59 15.44 3.71
C LEU B 130 -1.58 16.76 4.50
N PRO B 131 -2.74 17.15 5.05
CA PRO B 131 -2.80 18.39 5.83
C PRO B 131 -1.86 18.45 7.03
N LYS B 132 -1.04 19.50 7.08
CA LYS B 132 -0.11 19.70 8.18
C LYS B 132 -0.95 19.98 9.43
N PRO B 133 -0.62 19.34 10.56
CA PRO B 133 -1.39 19.58 11.78
C PRO B 133 -0.98 20.87 12.47
N ASP B 134 -1.97 21.58 13.01
CA ASP B 134 -1.73 22.84 13.72
C ASP B 134 -0.90 22.54 14.97
N TRP B 135 -1.26 21.47 15.66
CA TRP B 135 -0.56 21.05 16.86
C TRP B 135 -0.30 19.55 16.87
N GLN B 136 0.91 19.17 17.28
CA GLN B 136 1.27 17.77 17.42
C GLN B 136 1.59 17.63 18.91
N VAL B 137 0.79 16.82 19.59
CA VAL B 137 0.93 16.61 21.01
C VAL B 137 1.53 15.25 21.37
N LEU B 138 2.73 15.29 21.92
CA LEU B 138 3.41 14.07 22.32
C LEU B 138 3.05 13.72 23.75
N LEU B 139 2.40 12.57 23.91
CA LEU B 139 2.03 12.11 25.24
C LEU B 139 3.22 11.27 25.72
N ALA B 140 4.13 11.92 26.45
CA ALA B 140 5.32 11.26 26.97
C ALA B 140 4.94 10.36 28.14
N VAL B 141 5.46 9.15 28.13
CA VAL B 141 5.15 8.18 29.18
C VAL B 141 6.31 7.24 29.50
N SER B 142 6.25 6.64 30.69
CA SER B 142 7.26 5.68 31.12
C SER B 142 7.25 4.51 30.14
N ALA B 143 8.44 4.14 29.67
CA ALA B 143 8.58 3.03 28.73
C ALA B 143 8.10 1.72 29.36
N GLU B 144 8.38 1.55 30.65
CA GLU B 144 7.96 0.34 31.36
C GLU B 144 6.44 0.33 31.49
N LEU B 145 5.90 1.45 31.94
CA LEU B 145 4.46 1.59 32.12
C LEU B 145 3.72 1.34 30.80
N ALA B 146 4.19 1.98 29.73
CA ALA B 146 3.59 1.82 28.41
C ALA B 146 3.67 0.37 27.95
N GLY B 147 4.83 -0.24 28.16
CA GLY B 147 5.03 -1.62 27.76
C GLY B 147 4.13 -2.58 28.51
N GLU B 148 3.91 -2.32 29.80
CA GLU B 148 3.05 -3.16 30.61
C GLU B 148 1.61 -3.09 30.13
N ARG B 149 1.19 -1.90 29.69
CA ARG B 149 -0.16 -1.71 29.19
C ARG B 149 -0.40 -2.69 28.03
N SER B 150 0.56 -2.74 27.11
CA SER B 150 0.49 -3.62 25.94
C SER B 150 0.43 -5.10 26.36
N ARG B 151 1.31 -5.48 27.29
CA ARG B 151 1.35 -6.85 27.76
C ARG B 151 0.08 -7.20 28.52
N GLY B 152 -0.50 -6.20 29.18
CA GLY B 152 -1.72 -6.41 29.94
C GLY B 152 -2.97 -6.39 29.09
N ARG B 153 -3.19 -5.27 28.41
CA ARG B 153 -4.37 -5.10 27.56
C ARG B 153 -4.41 -6.13 26.44
N ALA B 154 -3.50 -7.10 26.50
CA ALA B 154 -3.44 -8.15 25.48
C ALA B 154 -3.66 -9.52 26.14
N GLN B 155 -2.71 -9.92 26.98
CA GLN B 155 -2.79 -11.21 27.67
C GLN B 155 -4.02 -11.30 28.57
N ARG B 156 -4.93 -10.35 28.42
CA ARG B 156 -6.16 -10.31 29.21
C ARG B 156 -7.37 -10.56 28.31
N ALA B 161 -3.69 -10.02 21.25
CA ALA B 161 -2.28 -10.39 21.18
C ALA B 161 -1.43 -9.24 20.69
N ARG B 162 -0.20 -9.14 21.20
CA ARG B 162 0.72 -8.08 20.81
C ARG B 162 1.33 -8.34 19.44
N ASP B 163 1.31 -7.33 18.58
CA ASP B 163 1.91 -7.47 17.25
C ASP B 163 3.43 -7.33 17.36
N ASN B 164 4.10 -7.43 16.21
CA ASN B 164 5.57 -7.34 16.17
C ASN B 164 6.14 -6.05 16.76
N TYR B 165 5.43 -4.94 16.61
CA TYR B 165 5.91 -3.66 17.14
C TYR B 165 5.76 -3.57 18.65
N GLU B 166 4.61 -3.99 19.15
CA GLU B 166 4.32 -3.97 20.59
C GLU B 166 5.23 -4.89 21.41
N ARG B 167 5.65 -6.01 20.83
CA ARG B 167 6.52 -6.94 21.55
C ARG B 167 7.98 -6.50 21.56
N ASP B 168 8.32 -5.54 20.70
CA ASP B 168 9.69 -5.04 20.60
C ASP B 168 9.93 -3.91 21.58
N ALA B 169 10.34 -4.27 22.80
CA ALA B 169 10.58 -3.30 23.86
C ALA B 169 11.62 -2.25 23.45
N GLU B 170 12.67 -2.68 22.76
CA GLU B 170 13.69 -1.72 22.36
C GLU B 170 13.20 -0.77 21.29
N LEU B 171 12.39 -1.27 20.36
CA LEU B 171 11.83 -0.42 19.32
C LEU B 171 10.99 0.70 19.94
N GLN B 172 10.15 0.33 20.92
CA GLN B 172 9.28 1.28 21.61
C GLN B 172 10.09 2.37 22.31
N GLN B 173 11.22 1.96 22.90
CA GLN B 173 12.11 2.87 23.60
C GLN B 173 12.73 3.85 22.61
N ARG B 174 13.20 3.36 21.47
CA ARG B 174 13.81 4.23 20.47
C ARG B 174 12.75 5.13 19.83
N THR B 175 11.53 4.63 19.71
CA THR B 175 10.46 5.42 19.12
C THR B 175 10.18 6.62 20.04
N GLY B 176 10.13 6.38 21.35
CA GLY B 176 9.89 7.46 22.29
C GLY B 176 10.98 8.52 22.20
N ALA B 177 12.21 8.08 21.98
CA ALA B 177 13.35 8.98 21.87
C ALA B 177 13.34 9.80 20.57
N VAL B 178 12.89 9.20 19.47
CA VAL B 178 12.83 9.93 18.21
C VAL B 178 11.68 10.92 18.31
N TYR B 179 10.59 10.49 18.95
CA TYR B 179 9.44 11.37 19.15
C TYR B 179 9.89 12.65 19.86
N ALA B 180 10.71 12.51 20.90
CA ALA B 180 11.19 13.64 21.66
C ALA B 180 12.03 14.59 20.79
N GLU B 181 12.79 14.03 19.85
CA GLU B 181 13.61 14.86 18.97
C GLU B 181 12.72 15.60 17.98
N LEU B 182 11.72 14.90 17.48
CA LEU B 182 10.79 15.49 16.52
C LEU B 182 10.11 16.69 17.17
N ALA B 183 9.61 16.49 18.39
CA ALA B 183 8.93 17.54 19.13
C ALA B 183 9.87 18.71 19.41
N ALA B 184 11.10 18.38 19.81
CA ALA B 184 12.08 19.41 20.14
C ALA B 184 12.41 20.31 18.96
N GLN B 185 12.45 19.74 17.76
CA GLN B 185 12.76 20.52 16.58
C GLN B 185 11.53 21.01 15.82
N GLY B 186 10.34 20.78 16.37
CA GLY B 186 9.14 21.22 15.69
C GLY B 186 9.00 20.59 14.31
N TRP B 187 9.23 19.29 14.26
CA TRP B 187 9.14 18.54 13.01
C TRP B 187 7.69 18.56 12.51
N GLY B 188 7.49 19.09 11.31
CA GLY B 188 6.16 19.14 10.72
C GLY B 188 5.24 20.22 11.28
N GLY B 189 5.75 20.99 12.24
CA GLY B 189 4.94 22.03 12.84
C GLY B 189 5.15 22.14 14.33
N ARG B 190 4.28 22.89 15.01
CA ARG B 190 4.38 23.10 16.45
C ARG B 190 3.97 21.89 17.28
N TRP B 191 4.80 21.55 18.27
CA TRP B 191 4.55 20.43 19.15
C TRP B 191 4.29 20.87 20.58
N LEU B 192 3.72 19.95 21.34
CA LEU B 192 3.46 20.17 22.75
C LEU B 192 3.70 18.81 23.39
N VAL B 193 4.51 18.76 24.44
CA VAL B 193 4.80 17.51 25.12
C VAL B 193 4.03 17.47 26.43
N VAL B 194 3.18 16.46 26.60
CA VAL B 194 2.40 16.35 27.82
C VAL B 194 2.56 14.99 28.51
N GLY B 195 2.17 14.95 29.78
CA GLY B 195 2.24 13.72 30.55
C GLY B 195 0.83 13.20 30.73
N ALA B 196 0.70 12.01 31.28
CA ALA B 196 -0.61 11.40 31.48
C ALA B 196 -1.53 12.23 32.37
N ASP B 197 -1.01 12.69 33.50
CA ASP B 197 -1.80 13.48 34.43
C ASP B 197 -2.03 14.94 34.02
N VAL B 198 -1.78 15.24 32.75
CA VAL B 198 -1.97 16.59 32.23
C VAL B 198 -3.41 17.06 32.42
N ASP B 199 -3.59 18.35 32.68
CA ASP B 199 -4.92 18.91 32.86
C ASP B 199 -5.59 19.20 31.53
N PRO B 200 -6.72 18.53 31.24
CA PRO B 200 -7.46 18.71 29.99
C PRO B 200 -7.87 20.16 29.77
N GLY B 201 -8.46 20.76 30.80
CA GLY B 201 -8.91 22.13 30.72
C GLY B 201 -7.86 23.11 30.22
N ARG B 202 -6.70 23.10 30.85
CA ARG B 202 -5.63 24.00 30.46
C ARG B 202 -5.04 23.58 29.12
N LEU B 203 -4.94 22.27 28.90
CA LEU B 203 -4.39 21.77 27.64
C LEU B 203 -5.18 22.36 26.48
N ALA B 204 -6.52 22.29 26.59
CA ALA B 204 -7.40 22.82 25.56
C ALA B 204 -7.27 24.34 25.43
N ALA B 205 -7.10 25.00 26.57
CA ALA B 205 -6.95 26.46 26.58
C ALA B 205 -5.62 26.84 25.96
N THR B 206 -4.64 25.96 26.09
CA THR B 206 -3.31 26.20 25.54
C THR B 206 -3.26 25.99 24.03
N LEU B 207 -3.90 24.92 23.56
CA LEU B 207 -3.94 24.58 22.15
C LEU B 207 -4.85 25.54 21.38
N ALA B 208 -5.96 25.92 22.00
CA ALA B 208 -6.89 26.85 21.38
C ALA B 208 -7.03 28.08 22.27
N PRO B 209 -7.80 28.01 23.26
#